data_1LT5
#
_entry.id   1LT5
#
_cell.length_a   42.680
_cell.length_b   100.130
_cell.length_c   63.670
_cell.angle_alpha   90.00
_cell.angle_beta   107.66
_cell.angle_gamma   90.00
#
_symmetry.space_group_name_H-M   'P 1 21 1'
#
loop_
_entity.id
_entity.type
_entity.pdbx_description
1 polymer 'HEAT-LABILE ENTEROTOXIN'
2 branched beta-D-galactopyranose-(1-1)-1-thio-beta-D-galactopyranose
3 water water
#
_entity_poly.entity_id   1
_entity_poly.type   'polypeptide(L)'
_entity_poly.pdbx_seq_one_letter_code
;APQTITELCSEYRNTQIYTINDKILSYTESMAGKREMVIITFKSGETFQVEVPGSQHIDSQKKAIERMKDTLRITYLTET
KIDKLCVWNNKTPNSIAAISMKN
;
_entity_poly.pdbx_strand_id   D,E,F,G,H
#
# COMPACT_ATOMS: atom_id res chain seq x y z
N ALA A 1 1.51 27.08 -8.68
CA ALA A 1 0.58 26.06 -8.14
C ALA A 1 -0.09 26.61 -6.90
N PRO A 2 -1.39 26.32 -6.70
CA PRO A 2 -2.06 26.83 -5.51
C PRO A 2 -1.32 26.37 -4.25
N GLN A 3 -1.35 27.16 -3.21
CA GLN A 3 -0.64 26.82 -1.97
C GLN A 3 -1.52 26.29 -0.84
N THR A 4 -2.84 26.38 -1.00
CA THR A 4 -3.77 25.91 0.02
C THR A 4 -4.96 25.25 -0.66
N ILE A 5 -5.68 24.44 0.09
CA ILE A 5 -6.84 23.77 -0.45
C ILE A 5 -7.88 24.79 -0.87
N THR A 6 -7.95 25.90 -0.17
CA THR A 6 -8.91 26.95 -0.48
C THR A 6 -8.58 27.60 -1.81
N GLU A 7 -7.29 27.82 -2.06
CA GLU A 7 -6.87 28.42 -3.30
C GLU A 7 -7.09 27.45 -4.45
N LEU A 8 -6.79 26.18 -4.21
CA LEU A 8 -6.95 25.16 -5.23
C LEU A 8 -8.44 25.01 -5.57
N CYS A 9 -9.28 24.96 -4.55
CA CYS A 9 -10.72 24.83 -4.74
C CYS A 9 -11.29 25.97 -5.58
N SER A 10 -10.80 27.17 -5.35
CA SER A 10 -11.27 28.35 -6.07
C SER A 10 -11.05 28.29 -7.58
N GLU A 11 -10.01 27.58 -7.99
CA GLU A 11 -9.69 27.47 -9.39
C GLU A 11 -10.77 26.72 -10.15
N TYR A 12 -11.69 26.10 -9.43
CA TYR A 12 -12.75 25.31 -10.07
C TYR A 12 -14.16 25.86 -9.96
N ARG A 13 -14.98 25.44 -10.91
CA ARG A 13 -16.38 25.82 -10.97
C ARG A 13 -17.15 24.68 -10.32
N ASN A 14 -18.29 25.01 -9.72
CA ASN A 14 -19.13 24.01 -9.07
C ASN A 14 -18.46 23.35 -7.86
N THR A 15 -17.49 24.03 -7.27
CA THR A 15 -16.82 23.49 -6.10
C THR A 15 -17.24 24.26 -4.87
N GLN A 16 -16.91 23.71 -3.71
CA GLN A 16 -17.25 24.33 -2.45
C GLN A 16 -16.36 23.75 -1.37
N ILE A 17 -15.99 24.58 -0.42
CA ILE A 17 -15.17 24.17 0.70
C ILE A 17 -16.06 23.78 1.87
N TYR A 18 -15.69 22.69 2.52
CA TYR A 18 -16.39 22.22 3.71
C TYR A 18 -15.36 22.15 4.80
N THR A 19 -15.61 22.85 5.90
CA THR A 19 -14.73 22.83 7.04
C THR A 19 -15.30 21.72 7.91
N ILE A 20 -14.56 20.63 8.02
CA ILE A 20 -15.00 19.46 8.79
C ILE A 20 -14.44 19.39 10.21
N ASN A 21 -13.12 19.52 10.34
CA ASN A 21 -12.41 19.44 11.63
C ASN A 21 -12.95 18.27 12.44
N ASP A 22 -12.95 17.09 11.83
CA ASP A 22 -13.45 15.91 12.52
C ASP A 22 -13.04 14.67 11.76
N LYS A 23 -13.04 13.54 12.46
CA LYS A 23 -12.69 12.25 11.89
C LYS A 23 -13.89 11.77 11.10
N ILE A 24 -13.66 10.83 10.19
CA ILE A 24 -14.76 10.25 9.41
C ILE A 24 -15.55 9.30 10.32
N LEU A 25 -16.88 9.40 10.25
CA LEU A 25 -17.74 8.56 11.08
C LEU A 25 -17.90 7.18 10.46
N SER A 26 -18.19 7.12 9.18
CA SER A 26 -18.33 5.82 8.54
C SER A 26 -17.71 5.85 7.17
N TYR A 27 -17.32 4.66 6.73
CA TYR A 27 -16.68 4.48 5.46
C TYR A 27 -17.39 3.33 4.76
N THR A 28 -17.78 3.55 3.51
CA THR A 28 -18.47 2.52 2.73
C THR A 28 -17.72 2.38 1.43
N GLU A 29 -17.45 1.15 1.05
CA GLU A 29 -16.71 0.86 -0.18
C GLU A 29 -17.49 -0.14 -0.99
N SER A 30 -17.61 0.15 -2.28
CA SER A 30 -18.38 -0.72 -3.15
C SER A 30 -17.59 -1.14 -4.38
N MET A 31 -17.69 -2.42 -4.71
CA MET A 31 -17.05 -2.97 -5.92
C MET A 31 -18.15 -3.45 -6.85
N ALA A 32 -19.40 -3.08 -6.55
CA ALA A 32 -20.53 -3.45 -7.38
C ALA A 32 -20.38 -2.72 -8.70
N GLY A 33 -20.65 -3.40 -9.79
CA GLY A 33 -20.51 -2.81 -11.11
C GLY A 33 -21.18 -1.47 -11.30
N LYS A 34 -20.44 -0.51 -11.85
CA LYS A 34 -20.90 0.85 -12.11
C LYS A 34 -21.03 1.66 -10.83
N ARG A 35 -20.72 1.03 -9.70
CA ARG A 35 -20.78 1.70 -8.39
C ARG A 35 -19.50 1.44 -7.62
N GLU A 36 -18.39 1.46 -8.34
CA GLU A 36 -17.10 1.24 -7.72
C GLU A 36 -16.75 2.61 -7.15
N MET A 37 -17.14 2.82 -5.90
CA MET A 37 -16.93 4.11 -5.28
C MET A 37 -16.77 3.96 -3.80
N VAL A 38 -16.52 5.09 -3.15
CA VAL A 38 -16.37 5.19 -1.72
C VAL A 38 -17.26 6.34 -1.24
N ILE A 39 -17.93 6.11 -0.12
CA ILE A 39 -18.81 7.10 0.48
C ILE A 39 -18.36 7.26 1.93
N ILE A 40 -18.17 8.49 2.37
CA ILE A 40 -17.79 8.73 3.75
C ILE A 40 -18.81 9.68 4.36
N THR A 41 -19.05 9.55 5.65
CA THR A 41 -19.97 10.43 6.35
C THR A 41 -19.31 10.96 7.60
N PHE A 42 -19.86 12.06 8.10
CA PHE A 42 -19.37 12.70 9.29
C PHE A 42 -20.52 12.84 10.29
N LYS A 43 -20.19 12.91 11.57
CA LYS A 43 -21.18 13.05 12.66
C LYS A 43 -22.19 14.16 12.38
N SER A 44 -21.73 15.21 11.71
CA SER A 44 -22.57 16.35 11.34
C SER A 44 -23.72 15.96 10.43
N GLY A 45 -23.55 14.88 9.68
CA GLY A 45 -24.59 14.44 8.77
C GLY A 45 -24.16 14.62 7.33
N GLU A 46 -22.99 15.22 7.11
CA GLU A 46 -22.47 15.43 5.77
C GLU A 46 -22.09 14.07 5.17
N THR A 47 -22.41 13.87 3.89
CA THR A 47 -22.08 12.63 3.20
C THR A 47 -21.36 13.03 1.91
N PHE A 48 -20.23 12.40 1.63
CA PHE A 48 -19.46 12.71 0.44
C PHE A 48 -19.04 11.43 -0.26
N GLN A 49 -18.79 11.53 -1.56
CA GLN A 49 -18.38 10.38 -2.33
C GLN A 49 -17.12 10.65 -3.11
N VAL A 50 -16.48 9.56 -3.53
CA VAL A 50 -15.35 9.67 -4.44
C VAL A 50 -16.10 9.02 -5.61
N GLU A 51 -16.36 9.79 -6.65
CA GLU A 51 -17.13 9.29 -7.79
C GLU A 51 -16.52 8.10 -8.52
N VAL A 52 -17.38 7.37 -9.21
CA VAL A 52 -16.96 6.24 -10.03
C VAL A 52 -16.22 6.92 -11.19
N PRO A 53 -15.08 6.35 -11.62
CA PRO A 53 -14.36 6.98 -12.72
C PRO A 53 -15.27 7.04 -13.96
N GLY A 54 -15.31 8.18 -14.64
CA GLY A 54 -16.17 8.30 -15.79
C GLY A 54 -15.67 9.18 -16.91
N SER A 55 -16.55 9.47 -17.85
CA SER A 55 -16.24 10.30 -19.00
C SER A 55 -15.91 11.74 -18.65
N GLN A 56 -16.18 12.16 -17.42
CA GLN A 56 -15.88 13.51 -17.00
C GLN A 56 -14.42 13.62 -16.52
N HIS A 57 -13.82 12.48 -16.17
CA HIS A 57 -12.46 12.45 -15.68
C HIS A 57 -11.42 12.39 -16.81
N ILE A 58 -10.34 13.14 -16.64
CA ILE A 58 -9.25 13.16 -17.63
C ILE A 58 -8.18 12.13 -17.25
N ASP A 59 -7.23 11.93 -18.15
CA ASP A 59 -6.12 10.99 -18.00
C ASP A 59 -5.57 10.90 -16.57
N SER A 60 -4.86 11.95 -16.18
CA SER A 60 -4.21 12.06 -14.88
C SER A 60 -5.06 11.86 -13.62
N GLN A 61 -6.37 11.99 -13.75
CA GLN A 61 -7.26 11.84 -12.60
C GLN A 61 -7.53 10.40 -12.17
N LYS A 62 -7.38 9.48 -13.12
CA LYS A 62 -7.63 8.08 -12.82
C LYS A 62 -6.76 7.59 -11.66
N LYS A 63 -5.48 7.90 -11.70
CA LYS A 63 -4.61 7.45 -10.60
C LYS A 63 -4.90 8.24 -9.32
N ALA A 64 -5.23 9.52 -9.48
CA ALA A 64 -5.53 10.35 -8.32
C ALA A 64 -6.80 9.86 -7.61
N ILE A 65 -7.76 9.34 -8.37
CA ILE A 65 -9.01 8.85 -7.80
C ILE A 65 -8.73 7.67 -6.89
N GLU A 66 -7.88 6.77 -7.36
CA GLU A 66 -7.53 5.60 -6.57
C GLU A 66 -6.75 6.02 -5.32
N ARG A 67 -5.89 7.03 -5.48
CA ARG A 67 -5.11 7.53 -4.35
C ARG A 67 -6.02 8.12 -3.28
N MET A 68 -6.99 8.91 -3.71
CA MET A 68 -7.95 9.52 -2.76
C MET A 68 -8.69 8.43 -1.99
N LYS A 69 -9.10 7.35 -2.67
CA LYS A 69 -9.78 6.28 -1.97
C LYS A 69 -8.87 5.62 -0.95
N ASP A 70 -7.59 5.46 -1.32
CA ASP A 70 -6.61 4.90 -0.39
C ASP A 70 -6.52 5.80 0.85
N THR A 71 -6.41 7.11 0.60
CA THR A 71 -6.29 8.08 1.68
C THR A 71 -7.49 8.05 2.61
N LEU A 72 -8.69 8.05 2.04
CA LEU A 72 -9.87 8.01 2.88
C LEU A 72 -9.92 6.77 3.74
N ARG A 73 -9.52 5.63 3.19
CA ARG A 73 -9.55 4.41 3.98
C ARG A 73 -8.58 4.51 5.15
N ILE A 74 -7.35 4.93 4.87
CA ILE A 74 -6.36 5.01 5.92
C ILE A 74 -6.70 6.12 6.92
N THR A 75 -7.31 7.20 6.44
CA THR A 75 -7.71 8.29 7.32
C THR A 75 -8.81 7.78 8.27
N TYR A 76 -9.77 7.03 7.72
CA TYR A 76 -10.84 6.45 8.52
C TYR A 76 -10.26 5.51 9.57
N LEU A 77 -9.46 4.54 9.13
CA LEU A 77 -8.88 3.56 10.03
C LEU A 77 -8.04 4.17 11.14
N THR A 78 -7.36 5.26 10.86
CA THR A 78 -6.52 5.90 11.85
C THR A 78 -7.23 7.01 12.64
N GLU A 79 -8.52 7.19 12.38
CA GLU A 79 -9.32 8.21 13.06
C GLU A 79 -8.63 9.56 12.97
N THR A 80 -8.05 9.83 11.82
CA THR A 80 -7.36 11.08 11.59
C THR A 80 -8.40 12.15 11.30
N LYS A 81 -8.27 13.30 11.93
CA LYS A 81 -9.23 14.35 11.70
C LYS A 81 -9.00 15.00 10.33
N ILE A 82 -10.09 15.26 9.63
CA ILE A 82 -10.05 15.92 8.36
C ILE A 82 -10.30 17.41 8.62
N ASP A 83 -9.51 18.28 8.01
CA ASP A 83 -9.71 19.71 8.22
C ASP A 83 -10.75 20.23 7.25
N LYS A 84 -10.37 20.34 5.98
CA LYS A 84 -11.30 20.82 4.97
C LYS A 84 -11.42 19.82 3.82
N LEU A 85 -12.49 19.96 3.08
CA LEU A 85 -12.77 19.15 1.91
C LEU A 85 -13.18 20.14 0.84
N CYS A 86 -12.67 19.98 -0.37
CA CYS A 86 -13.08 20.80 -1.50
C CYS A 86 -13.91 19.79 -2.28
N VAL A 87 -15.17 20.09 -2.50
CA VAL A 87 -16.05 19.16 -3.20
C VAL A 87 -16.78 19.80 -4.36
N TRP A 88 -17.18 18.99 -5.34
CA TRP A 88 -17.96 19.49 -6.44
C TRP A 88 -19.38 19.34 -5.89
N ASN A 89 -20.15 20.42 -5.87
CA ASN A 89 -21.48 20.38 -5.31
C ASN A 89 -22.61 20.18 -6.34
N ASN A 90 -22.24 19.76 -7.55
CA ASN A 90 -23.25 19.50 -8.57
C ASN A 90 -23.38 17.98 -8.67
N LYS A 91 -23.13 17.31 -7.55
CA LYS A 91 -23.22 15.86 -7.45
C LYS A 91 -23.87 15.53 -6.11
N THR A 92 -24.56 14.40 -6.04
CA THR A 92 -25.16 13.98 -4.79
C THR A 92 -24.86 12.51 -4.57
N PRO A 93 -24.10 12.20 -3.49
CA PRO A 93 -23.60 13.20 -2.53
C PRO A 93 -22.47 14.02 -3.16
N ASN A 94 -22.11 15.13 -2.53
CA ASN A 94 -21.05 15.99 -3.05
C ASN A 94 -19.82 15.14 -3.30
N SER A 95 -19.11 15.45 -4.37
CA SER A 95 -17.93 14.70 -4.78
C SER A 95 -16.67 15.37 -4.31
N ILE A 96 -15.79 14.59 -3.70
CA ILE A 96 -14.53 15.13 -3.16
C ILE A 96 -13.50 15.43 -4.23
N ALA A 97 -13.04 16.67 -4.26
CA ALA A 97 -12.04 17.12 -5.20
C ALA A 97 -10.68 17.19 -4.52
N ALA A 98 -10.66 17.64 -3.26
CA ALA A 98 -9.42 17.75 -2.50
C ALA A 98 -9.71 17.58 -1.04
N ILE A 99 -8.69 17.17 -0.29
CA ILE A 99 -8.83 16.96 1.14
C ILE A 99 -7.59 17.55 1.81
N SER A 100 -7.76 18.03 3.03
CA SER A 100 -6.64 18.59 3.77
C SER A 100 -6.77 18.17 5.20
N MET A 101 -5.64 17.88 5.84
CA MET A 101 -5.66 17.53 7.25
C MET A 101 -4.51 18.23 7.94
N LYS A 102 -4.79 18.73 9.13
CA LYS A 102 -3.82 19.48 9.93
C LYS A 102 -3.56 18.76 11.24
N ASN A 103 -2.28 18.63 11.58
CA ASN A 103 -1.80 17.97 12.78
C ASN A 103 -1.28 19.04 13.72
N ALA B 1 26.93 6.48 -6.60
CA ALA B 1 25.68 7.21 -6.33
C ALA B 1 25.90 8.00 -5.05
N PRO B 2 25.12 9.08 -4.84
CA PRO B 2 25.26 9.90 -3.64
C PRO B 2 24.95 9.10 -2.38
N GLN B 3 25.60 9.45 -1.27
CA GLN B 3 25.41 8.77 0.00
C GLN B 3 24.49 9.51 0.95
N THR B 4 24.19 10.76 0.64
CA THR B 4 23.32 11.60 1.48
C THR B 4 22.44 12.48 0.62
N ILE B 5 21.41 13.06 1.23
CA ILE B 5 20.49 13.95 0.51
C ILE B 5 21.20 15.24 0.06
N THR B 6 22.15 15.70 0.86
CA THR B 6 22.91 16.90 0.53
C THR B 6 23.73 16.65 -0.75
N GLU B 7 24.38 15.49 -0.82
CA GLU B 7 25.16 15.15 -2.01
C GLU B 7 24.24 14.99 -3.24
N LEU B 8 23.13 14.29 -3.04
CA LEU B 8 22.15 14.07 -4.10
C LEU B 8 21.67 15.41 -4.64
N CYS B 9 21.22 16.27 -3.74
CA CYS B 9 20.69 17.58 -4.09
C CYS B 9 21.68 18.44 -4.86
N SER B 10 22.96 18.40 -4.50
CA SER B 10 23.98 19.21 -5.16
C SER B 10 24.17 18.88 -6.65
N GLU B 11 23.73 17.69 -7.05
CA GLU B 11 23.86 17.23 -8.42
C GLU B 11 22.85 17.88 -9.39
N TYR B 12 21.93 18.68 -8.88
CA TYR B 12 20.91 19.28 -9.73
C TYR B 12 20.90 20.80 -9.84
N ARG B 13 20.27 21.27 -10.90
CA ARG B 13 20.13 22.69 -11.20
C ARG B 13 18.88 23.21 -10.48
N ASN B 14 18.96 24.40 -9.91
CA ASN B 14 17.83 25.04 -9.21
C ASN B 14 17.28 24.27 -8.00
N THR B 15 18.14 23.86 -7.09
CA THR B 15 17.69 23.14 -5.91
C THR B 15 18.42 23.65 -4.68
N GLN B 16 17.82 23.42 -3.52
CA GLN B 16 18.44 23.80 -2.26
C GLN B 16 17.90 22.87 -1.19
N ILE B 17 18.71 22.66 -0.16
CA ILE B 17 18.36 21.81 0.95
C ILE B 17 17.66 22.68 1.98
N TYR B 18 16.61 22.13 2.59
CA TYR B 18 15.88 22.82 3.64
C TYR B 18 16.00 21.90 4.84
N THR B 19 16.48 22.42 5.95
CA THR B 19 16.56 21.58 7.12
C THR B 19 15.27 21.91 7.85
N ILE B 20 14.39 20.93 7.92
CA ILE B 20 13.10 21.13 8.57
C ILE B 20 13.07 20.60 9.99
N ASN B 21 13.56 19.37 10.18
CA ASN B 21 13.61 18.76 11.50
C ASN B 21 12.29 18.95 12.23
N ASP B 22 11.19 18.55 11.59
CA ASP B 22 9.89 18.72 12.21
C ASP B 22 8.91 17.83 11.47
N LYS B 23 7.78 17.56 12.10
CA LYS B 23 6.73 16.75 11.50
C LYS B 23 5.90 17.67 10.61
N ILE B 24 5.20 17.10 9.65
CA ILE B 24 4.37 17.89 8.74
C ILE B 24 3.18 18.46 9.48
N LEU B 25 2.92 19.74 9.24
CA LEU B 25 1.79 20.41 9.88
C LEU B 25 0.48 20.05 9.18
N SER B 26 0.43 20.26 7.87
CA SER B 26 -0.80 19.96 7.16
C SER B 26 -0.47 19.23 5.89
N TYR B 27 -1.39 18.36 5.48
CA TYR B 27 -1.26 17.55 4.29
C TYR B 27 -2.49 17.82 3.44
N THR B 28 -2.29 18.23 2.20
CA THR B 28 -3.40 18.50 1.28
C THR B 28 -3.24 17.63 0.05
N GLU B 29 -4.29 16.92 -0.32
CA GLU B 29 -4.25 16.07 -1.47
C GLU B 29 -5.39 16.45 -2.40
N SER B 30 -5.07 16.67 -3.66
CA SER B 30 -6.05 17.04 -4.67
C SER B 30 -6.11 16.04 -5.80
N MET B 31 -7.34 15.71 -6.21
CA MET B 31 -7.56 14.83 -7.34
C MET B 31 -8.30 15.63 -8.40
N ALA B 32 -8.27 16.95 -8.26
CA ALA B 32 -8.93 17.83 -9.23
C ALA B 32 -8.07 17.86 -10.51
N GLY B 33 -8.73 17.92 -11.66
CA GLY B 33 -8.06 17.92 -12.96
C GLY B 33 -6.97 18.94 -13.19
N LYS B 34 -5.79 18.46 -13.58
CA LYS B 34 -4.60 19.28 -13.82
C LYS B 34 -4.00 19.80 -12.51
N ARG B 35 -4.52 19.34 -11.38
CA ARG B 35 -4.03 19.74 -10.07
C ARG B 35 -3.92 18.50 -9.17
N GLU B 36 -3.61 17.36 -9.78
CA GLU B 36 -3.46 16.11 -9.03
C GLU B 36 -2.10 16.24 -8.34
N MET B 37 -2.12 16.80 -7.14
CA MET B 37 -0.89 17.05 -6.42
C MET B 37 -1.09 16.95 -4.92
N VAL B 38 0.03 17.01 -4.20
CA VAL B 38 0.04 16.99 -2.75
C VAL B 38 0.78 18.24 -2.30
N ILE B 39 0.29 18.85 -1.23
CA ILE B 39 0.91 20.04 -0.68
C ILE B 39 1.11 19.76 0.79
N ILE B 40 2.28 20.09 1.33
CA ILE B 40 2.52 19.92 2.75
C ILE B 40 3.04 21.24 3.31
N THR B 41 2.75 21.49 4.59
CA THR B 41 3.22 22.71 5.22
C THR B 41 3.80 22.34 6.58
N PHE B 42 4.61 23.24 7.12
CA PHE B 42 5.22 23.05 8.43
C PHE B 42 4.92 24.28 9.28
N LYS B 43 5.03 24.12 10.59
CA LYS B 43 4.77 25.20 11.53
C LYS B 43 5.58 26.46 11.22
N SER B 44 6.80 26.26 10.72
CA SER B 44 7.67 27.36 10.38
C SER B 44 7.14 28.24 9.26
N GLY B 45 6.10 27.78 8.57
CA GLY B 45 5.52 28.56 7.49
C GLY B 45 5.91 28.13 6.09
N GLU B 46 6.76 27.14 5.98
CA GLU B 46 7.20 26.67 4.67
C GLU B 46 6.18 25.71 4.07
N THR B 47 5.92 25.89 2.79
CA THR B 47 4.97 25.08 2.04
C THR B 47 5.69 24.48 0.83
N PHE B 48 5.46 23.19 0.58
CA PHE B 48 6.10 22.48 -0.51
C PHE B 48 5.07 21.63 -1.22
N GLN B 49 5.35 21.35 -2.49
CA GLN B 49 4.45 20.56 -3.29
C GLN B 49 5.17 19.40 -3.95
N VAL B 50 4.38 18.41 -4.34
CA VAL B 50 4.88 17.30 -5.14
C VAL B 50 4.11 17.71 -6.41
N GLU B 51 4.84 18.14 -7.42
CA GLU B 51 4.22 18.61 -8.66
C GLU B 51 3.34 17.63 -9.38
N VAL B 52 2.39 18.16 -10.14
CA VAL B 52 1.53 17.32 -10.97
C VAL B 52 2.48 16.77 -12.05
N PRO B 53 2.32 15.49 -12.42
CA PRO B 53 3.23 14.95 -13.45
C PRO B 53 3.16 15.86 -14.68
N GLY B 54 4.32 16.15 -15.25
CA GLY B 54 4.34 17.04 -16.39
C GLY B 54 5.34 16.66 -17.46
N SER B 55 5.38 17.51 -18.48
CA SER B 55 6.25 17.33 -19.63
C SER B 55 7.73 17.49 -19.28
N GLN B 56 8.02 17.93 -18.06
CA GLN B 56 9.40 18.09 -17.63
C GLN B 56 9.94 16.84 -16.91
N HIS B 57 9.06 15.88 -16.61
CA HIS B 57 9.46 14.67 -15.91
C HIS B 57 9.83 13.54 -16.83
N ILE B 58 10.92 12.84 -16.52
CA ILE B 58 11.29 11.70 -17.34
C ILE B 58 10.44 10.51 -16.88
N ASP B 59 10.26 9.51 -17.75
CA ASP B 59 9.45 8.35 -17.44
C ASP B 59 9.71 7.73 -16.06
N SER B 60 10.97 7.48 -15.75
CA SER B 60 11.34 6.86 -14.47
C SER B 60 10.89 7.66 -13.26
N GLN B 61 10.63 8.94 -13.45
CA GLN B 61 10.17 9.77 -12.35
C GLN B 61 8.70 9.55 -12.05
N LYS B 62 7.93 9.05 -13.02
CA LYS B 62 6.50 8.85 -12.81
C LYS B 62 6.15 7.98 -11.61
N LYS B 63 6.83 6.84 -11.50
CA LYS B 63 6.62 5.93 -10.38
C LYS B 63 7.13 6.57 -9.12
N ALA B 64 8.22 7.34 -9.24
CA ALA B 64 8.81 7.98 -8.07
C ALA B 64 7.90 9.08 -7.53
N ILE B 65 7.19 9.77 -8.43
CA ILE B 65 6.27 10.84 -8.02
C ILE B 65 5.15 10.22 -7.15
N GLU B 66 4.61 9.10 -7.61
CA GLU B 66 3.55 8.40 -6.86
C GLU B 66 4.09 7.89 -5.53
N ARG B 67 5.33 7.40 -5.52
CA ARG B 67 5.94 6.91 -4.30
C ARG B 67 6.08 8.07 -3.30
N MET B 68 6.57 9.21 -3.80
CA MET B 68 6.78 10.36 -2.94
C MET B 68 5.47 10.77 -2.27
N LYS B 69 4.36 10.75 -3.03
CA LYS B 69 3.08 11.10 -2.45
C LYS B 69 2.70 10.11 -1.36
N ASP B 70 2.93 8.83 -1.63
CA ASP B 70 2.64 7.78 -0.65
C ASP B 70 3.45 8.06 0.62
N THR B 71 4.72 8.40 0.43
CA THR B 71 5.59 8.65 1.56
C THR B 71 5.13 9.84 2.40
N LEU B 72 4.75 10.93 1.74
CA LEU B 72 4.31 12.12 2.47
C LEU B 72 3.03 11.86 3.26
N ARG B 73 2.11 11.09 2.68
CA ARG B 73 0.89 10.80 3.39
C ARG B 73 1.16 9.97 4.64
N ILE B 74 1.97 8.93 4.53
CA ILE B 74 2.21 8.11 5.70
C ILE B 74 3.11 8.81 6.73
N THR B 75 3.99 9.69 6.26
CA THR B 75 4.84 10.46 7.16
C THR B 75 3.93 11.38 7.98
N TYR B 76 2.96 11.97 7.29
CA TYR B 76 2.00 12.85 7.96
C TYR B 76 1.17 12.08 8.98
N LEU B 77 0.56 10.98 8.56
CA LEU B 77 -0.27 10.20 9.44
C LEU B 77 0.46 9.64 10.64
N THR B 78 1.75 9.41 10.51
CA THR B 78 2.55 8.87 11.61
C THR B 78 3.29 9.91 12.42
N GLU B 79 3.10 11.19 12.07
CA GLU B 79 3.76 12.31 12.78
C GLU B 79 5.27 12.11 12.79
N THR B 80 5.80 11.50 11.75
CA THR B 80 7.23 11.25 11.65
C THR B 80 7.97 12.53 11.28
N LYS B 81 9.08 12.78 11.96
CA LYS B 81 9.88 13.96 11.71
C LYS B 81 10.61 13.88 10.38
N ILE B 82 10.55 14.96 9.62
CA ILE B 82 11.25 15.08 8.34
C ILE B 82 12.55 15.83 8.67
N ASP B 83 13.69 15.24 8.29
CA ASP B 83 15.01 15.81 8.54
C ASP B 83 15.27 16.94 7.56
N LYS B 84 15.50 16.62 6.29
CA LYS B 84 15.77 17.63 5.28
C LYS B 84 14.93 17.39 4.04
N LEU B 85 14.80 18.42 3.23
CA LEU B 85 14.08 18.34 1.96
C LEU B 85 14.95 18.99 0.89
N CYS B 86 15.09 18.31 -0.23
CA CYS B 86 15.83 18.87 -1.35
C CYS B 86 14.72 19.27 -2.29
N VAL B 87 14.64 20.55 -2.61
CA VAL B 87 13.56 21.04 -3.44
C VAL B 87 14.03 21.87 -4.64
N TRP B 88 13.23 21.89 -5.69
CA TRP B 88 13.51 22.70 -6.86
C TRP B 88 12.87 24.04 -6.51
N ASN B 89 13.66 25.11 -6.52
CA ASN B 89 13.13 26.41 -6.14
C ASN B 89 12.67 27.32 -7.25
N ASN B 90 12.48 26.79 -8.44
CA ASN B 90 12.00 27.58 -9.56
C ASN B 90 10.50 27.28 -9.71
N LYS B 91 9.90 26.80 -8.62
CA LYS B 91 8.48 26.46 -8.57
C LYS B 91 7.88 27.06 -7.30
N THR B 92 6.62 27.46 -7.38
CA THR B 92 5.92 28.00 -6.22
C THR B 92 4.62 27.22 -6.07
N PRO B 93 4.47 26.49 -4.96
CA PRO B 93 5.49 26.38 -3.91
C PRO B 93 6.68 25.56 -4.38
N ASN B 94 7.76 25.55 -3.61
CA ASN B 94 8.95 24.79 -3.99
C ASN B 94 8.55 23.33 -4.12
N SER B 95 9.12 22.68 -5.13
CA SER B 95 8.83 21.29 -5.46
C SER B 95 9.81 20.30 -4.84
N ILE B 96 9.27 19.26 -4.22
CA ILE B 96 10.09 18.26 -3.58
C ILE B 96 10.79 17.32 -4.54
N ALA B 97 12.11 17.26 -4.40
CA ALA B 97 12.97 16.39 -5.21
C ALA B 97 13.38 15.19 -4.36
N ALA B 98 13.63 15.42 -3.08
CA ALA B 98 14.05 14.35 -2.17
C ALA B 98 13.74 14.71 -0.73
N ILE B 99 13.60 13.71 0.11
CA ILE B 99 13.34 13.96 1.52
C ILE B 99 14.15 12.97 2.32
N SER B 100 14.52 13.34 3.54
CA SER B 100 15.25 12.44 4.41
C SER B 100 14.57 12.51 5.78
N MET B 101 14.62 11.41 6.50
CA MET B 101 14.00 11.33 7.81
C MET B 101 14.95 10.58 8.72
N LYS B 102 15.02 11.03 9.96
CA LYS B 102 15.87 10.44 10.99
C LYS B 102 15.04 10.66 12.25
N ASN B 103 14.59 9.57 12.87
CA ASN B 103 13.75 9.61 14.08
C ASN B 103 12.26 9.82 13.75
N ALA C 1 15.01 -23.92 -3.77
CA ALA C 1 15.31 -22.46 -3.52
C ALA C 1 16.07 -22.30 -2.21
N PRO C 2 16.77 -21.18 -2.03
CA PRO C 2 17.52 -20.95 -0.79
C PRO C 2 16.55 -20.88 0.39
N GLN C 3 17.03 -21.21 1.58
CA GLN C 3 16.17 -21.17 2.75
C GLN C 3 16.56 -20.07 3.72
N THR C 4 17.67 -19.40 3.42
CA THR C 4 18.16 -18.38 4.31
C THR C 4 18.79 -17.24 3.47
N ILE C 5 18.87 -16.04 4.02
CA ILE C 5 19.44 -14.93 3.28
C ILE C 5 20.92 -15.20 2.96
N THR C 6 21.62 -15.87 3.86
CA THR C 6 23.02 -16.19 3.65
C THR C 6 23.21 -17.14 2.46
N GLU C 7 22.36 -18.15 2.37
CA GLU C 7 22.43 -19.13 1.29
C GLU C 7 22.11 -18.41 0.00
N LEU C 8 21.12 -17.53 0.05
CA LEU C 8 20.71 -16.78 -1.11
C LEU C 8 21.82 -15.85 -1.59
N CYS C 9 22.44 -15.15 -0.64
CA CYS C 9 23.49 -14.20 -0.99
C CYS C 9 24.68 -14.88 -1.63
N SER C 10 25.02 -16.07 -1.13
CA SER C 10 26.16 -16.80 -1.65
C SER C 10 26.02 -17.22 -3.10
N GLU C 11 24.79 -17.19 -3.63
CA GLU C 11 24.57 -17.56 -5.03
C GLU C 11 25.01 -16.48 -6.02
N TYR C 12 25.37 -15.31 -5.54
CA TYR C 12 25.75 -14.24 -6.45
C TYR C 12 27.18 -13.82 -6.30
N ARG C 13 27.70 -13.24 -7.37
CA ARG C 13 29.05 -12.74 -7.36
C ARG C 13 28.96 -11.30 -6.89
N ASN C 14 30.04 -10.81 -6.29
CA ASN C 14 30.12 -9.44 -5.80
C ASN C 14 29.14 -9.11 -4.68
N THR C 15 28.85 -10.06 -3.81
CA THR C 15 27.94 -9.80 -2.70
C THR C 15 28.61 -10.14 -1.38
N GLN C 16 28.07 -9.59 -0.32
CA GLN C 16 28.55 -9.89 1.01
C GLN C 16 27.40 -9.65 1.97
N ILE C 17 27.43 -10.35 3.09
CA ILE C 17 26.41 -10.24 4.10
C ILE C 17 26.87 -9.27 5.18
N TYR C 18 25.99 -8.35 5.57
CA TYR C 18 26.28 -7.41 6.64
C TYR C 18 25.29 -7.73 7.73
N THR C 19 25.80 -7.96 8.94
CA THR C 19 24.93 -8.22 10.06
C THR C 19 24.67 -6.85 10.68
N ILE C 20 23.41 -6.42 10.59
CA ILE C 20 22.99 -5.12 11.09
C ILE C 20 22.48 -5.25 12.52
N ASN C 21 21.40 -6.03 12.68
CA ASN C 21 20.78 -6.25 13.97
C ASN C 21 20.48 -4.90 14.61
N ASP C 22 19.74 -4.06 13.88
CA ASP C 22 19.40 -2.71 14.35
C ASP C 22 18.35 -2.12 13.42
N LYS C 23 17.65 -1.10 13.90
CA LYS C 23 16.65 -0.43 13.09
C LYS C 23 17.39 0.57 12.23
N ILE C 24 16.73 1.04 11.18
CA ILE C 24 17.31 2.04 10.29
C ILE C 24 17.38 3.39 11.01
N LEU C 25 18.51 4.08 10.85
CA LEU C 25 18.70 5.37 11.49
C LEU C 25 18.12 6.47 10.60
N SER C 26 18.41 6.42 9.31
CA SER C 26 17.86 7.43 8.43
C SER C 26 17.38 6.83 7.12
N TYR C 27 16.36 7.47 6.56
CA TYR C 27 15.75 7.04 5.32
C TYR C 27 15.74 8.23 4.39
N THR C 28 16.30 8.07 3.21
CA THR C 28 16.32 9.13 2.21
C THR C 28 15.67 8.60 0.95
N GLU C 29 14.76 9.37 0.39
CA GLU C 29 14.05 8.96 -0.81
C GLU C 29 14.14 10.08 -1.83
N SER C 30 14.50 9.72 -3.05
CA SER C 30 14.65 10.69 -4.12
C SER C 30 13.81 10.40 -5.34
N MET C 31 13.18 11.45 -5.87
CA MET C 31 12.43 11.32 -7.10
C MET C 31 13.11 12.20 -8.16
N ALA C 32 14.32 12.68 -7.86
CA ALA C 32 15.06 13.49 -8.82
C ALA C 32 15.39 12.63 -10.04
N GLY C 33 15.35 13.24 -11.23
CA GLY C 33 15.61 12.51 -12.45
C GLY C 33 16.92 11.76 -12.46
N LYS C 34 16.86 10.47 -12.75
CA LYS C 34 18.04 9.59 -12.81
C LYS C 34 18.59 9.26 -11.42
N ARG C 35 17.92 9.73 -10.39
CA ARG C 35 18.32 9.42 -9.02
C ARG C 35 17.12 8.94 -8.24
N GLU C 36 16.26 8.17 -8.89
CA GLU C 36 15.05 7.63 -8.25
C GLU C 36 15.55 6.45 -7.44
N MET C 37 15.90 6.71 -6.20
CA MET C 37 16.46 5.70 -5.33
C MET C 37 16.14 5.97 -3.89
N VAL C 38 16.54 5.06 -3.02
CA VAL C 38 16.35 5.18 -1.59
C VAL C 38 17.72 4.89 -1.00
N ILE C 39 18.06 5.62 0.06
CA ILE C 39 19.33 5.43 0.74
C ILE C 39 18.98 5.27 2.20
N ILE C 40 19.56 4.30 2.88
CA ILE C 40 19.30 4.12 4.29
C ILE C 40 20.63 4.07 4.99
N THR C 41 20.66 4.49 6.25
CA THR C 41 21.89 4.45 7.02
C THR C 41 21.54 3.93 8.40
N PHE C 42 22.54 3.42 9.09
CA PHE C 42 22.39 2.89 10.42
C PHE C 42 23.27 3.68 11.37
N LYS C 43 23.07 3.44 12.66
CA LYS C 43 23.83 4.11 13.69
C LYS C 43 25.30 3.80 13.46
N SER C 44 25.58 2.59 13.02
CA SER C 44 26.94 2.14 12.74
C SER C 44 27.61 2.98 11.66
N GLY C 45 26.86 3.80 10.96
CA GLY C 45 27.44 4.62 9.90
C GLY C 45 27.37 3.94 8.55
N GLU C 46 27.03 2.65 8.58
CA GLU C 46 26.90 1.85 7.37
C GLU C 46 25.78 2.46 6.53
N THR C 47 26.01 2.56 5.23
CA THR C 47 25.05 3.18 4.32
C THR C 47 24.80 2.28 3.14
N PHE C 48 23.55 2.19 2.72
CA PHE C 48 23.19 1.32 1.61
C PHE C 48 22.14 1.97 0.72
N GLN C 49 22.07 1.53 -0.54
CA GLN C 49 21.10 2.10 -1.46
C GLN C 49 20.32 1.00 -2.13
N VAL C 50 19.16 1.39 -2.64
CA VAL C 50 18.40 0.49 -3.49
C VAL C 50 18.68 1.25 -4.79
N GLU C 51 19.33 0.60 -5.73
CA GLU C 51 19.71 1.24 -6.98
C GLU C 51 18.58 1.65 -7.90
N VAL C 52 18.90 2.65 -8.71
CA VAL C 52 18.01 3.16 -9.73
C VAL C 52 17.93 2.00 -10.70
N PRO C 53 16.75 1.72 -11.27
CA PRO C 53 16.68 0.62 -12.22
C PRO C 53 17.55 0.93 -13.45
N GLY C 54 18.43 0.00 -13.80
CA GLY C 54 19.31 0.18 -14.96
C GLY C 54 19.40 -1.00 -15.90
N SER C 55 20.35 -0.93 -16.82
CA SER C 55 20.50 -1.99 -17.79
C SER C 55 20.98 -3.30 -17.19
N GLN C 56 21.54 -3.26 -15.98
CA GLN C 56 22.03 -4.49 -15.39
C GLN C 56 20.88 -5.31 -14.82
N HIS C 57 19.73 -4.67 -14.61
CA HIS C 57 18.58 -5.37 -14.05
C HIS C 57 17.78 -6.11 -15.11
N ILE C 58 17.28 -7.27 -14.74
CA ILE C 58 16.45 -8.03 -15.66
C ILE C 58 14.99 -7.63 -15.36
N ASP C 59 14.09 -7.80 -16.30
CA ASP C 59 12.70 -7.39 -16.11
C ASP C 59 12.05 -7.83 -14.81
N SER C 60 12.27 -9.09 -14.42
CA SER C 60 11.68 -9.62 -13.18
C SER C 60 12.05 -8.84 -11.92
N GLN C 61 13.13 -8.08 -12.00
CA GLN C 61 13.58 -7.32 -10.85
C GLN C 61 12.86 -5.99 -10.72
N LYS C 62 12.25 -5.51 -11.79
CA LYS C 62 11.58 -4.22 -11.76
C LYS C 62 10.57 -4.07 -10.65
N LYS C 63 9.67 -5.03 -10.49
CA LYS C 63 8.68 -4.93 -9.42
C LYS C 63 9.34 -5.24 -8.07
N ALA C 64 10.40 -6.05 -8.07
CA ALA C 64 11.09 -6.37 -6.82
C ALA C 64 11.80 -5.13 -6.26
N ILE C 65 12.31 -4.30 -7.16
CA ILE C 65 12.98 -3.06 -6.75
C ILE C 65 11.95 -2.17 -6.05
N GLU C 66 10.77 -2.01 -6.65
CA GLU C 66 9.74 -1.18 -6.05
C GLU C 66 9.33 -1.75 -4.71
N ARG C 67 9.18 -3.06 -4.62
CA ARG C 67 8.80 -3.71 -3.36
C ARG C 67 9.85 -3.48 -2.27
N MET C 68 11.13 -3.58 -2.62
CA MET C 68 12.20 -3.39 -1.65
C MET C 68 12.11 -1.96 -1.09
N LYS C 69 11.85 -0.99 -1.96
CA LYS C 69 11.73 0.40 -1.48
C LYS C 69 10.51 0.53 -0.54
N ASP C 70 9.43 -0.16 -0.88
CA ASP C 70 8.25 -0.14 -0.01
C ASP C 70 8.63 -0.72 1.34
N THR C 71 9.35 -1.82 1.32
CA THR C 71 9.77 -2.49 2.55
C THR C 71 10.67 -1.64 3.42
N LEU C 72 11.65 -0.97 2.82
CA LEU C 72 12.54 -0.13 3.60
C LEU C 72 11.78 1.01 4.27
N ARG C 73 10.85 1.62 3.55
CA ARG C 73 10.09 2.73 4.11
C ARG C 73 9.29 2.31 5.35
N ILE C 74 8.55 1.22 5.23
CA ILE C 74 7.75 0.75 6.35
C ILE C 74 8.58 0.22 7.52
N THR C 75 9.71 -0.42 7.25
CA THR C 75 10.52 -0.91 8.37
C THR C 75 11.14 0.30 9.07
N TYR C 76 11.44 1.36 8.31
CA TYR C 76 11.97 2.55 8.93
C TYR C 76 10.91 3.13 9.85
N LEU C 77 9.74 3.40 9.27
CA LEU C 77 8.65 4.00 10.03
C LEU C 77 8.25 3.20 11.27
N THR C 78 8.33 1.87 11.18
CA THR C 78 7.96 1.05 12.30
C THR C 78 9.07 0.76 13.28
N GLU C 79 10.28 1.28 13.02
CA GLU C 79 11.42 1.06 13.91
C GLU C 79 11.73 -0.44 13.98
N THR C 80 11.46 -1.15 12.88
CA THR C 80 11.69 -2.58 12.84
C THR C 80 13.17 -2.92 12.70
N LYS C 81 13.62 -3.89 13.49
CA LYS C 81 15.02 -4.31 13.47
C LYS C 81 15.37 -5.13 12.22
N ILE C 82 16.40 -4.69 11.50
CA ILE C 82 16.88 -5.40 10.32
C ILE C 82 17.95 -6.36 10.84
N ASP C 83 17.88 -7.62 10.43
CA ASP C 83 18.85 -8.60 10.88
C ASP C 83 20.10 -8.54 10.01
N LYS C 84 19.96 -8.97 8.75
CA LYS C 84 21.07 -8.98 7.79
C LYS C 84 20.67 -8.39 6.47
N LEU C 85 21.69 -7.91 5.75
CA LEU C 85 21.50 -7.37 4.42
C LEU C 85 22.46 -8.10 3.50
N CYS C 86 21.97 -8.51 2.34
CA CYS C 86 22.83 -9.12 1.35
C CYS C 86 23.02 -7.95 0.39
N VAL C 87 24.26 -7.57 0.11
CA VAL C 87 24.45 -6.44 -0.76
C VAL C 87 25.54 -6.66 -1.80
N TRP C 88 25.40 -5.97 -2.92
CA TRP C 88 26.40 -6.00 -3.98
C TRP C 88 27.41 -4.95 -3.55
N ASN C 89 28.69 -5.34 -3.49
CA ASN C 89 29.73 -4.42 -3.05
C ASN C 89 30.55 -3.77 -4.16
N ASN C 90 30.06 -3.86 -5.39
CA ASN C 90 30.76 -3.25 -6.49
C ASN C 90 30.09 -1.91 -6.84
N LYS C 91 29.29 -1.41 -5.89
CA LYS C 91 28.60 -0.13 -6.04
C LYS C 91 28.80 0.64 -4.75
N THR C 92 28.78 1.96 -4.83
CA THR C 92 28.92 2.80 -3.65
C THR C 92 27.78 3.82 -3.67
N PRO C 93 26.95 3.82 -2.62
CA PRO C 93 26.96 2.91 -1.46
C PRO C 93 26.65 1.50 -1.92
N ASN C 94 26.91 0.52 -1.06
CA ASN C 94 26.61 -0.85 -1.44
C ASN C 94 25.11 -0.94 -1.71
N SER C 95 24.78 -1.78 -2.70
CA SER C 95 23.43 -1.95 -3.17
C SER C 95 22.72 -3.15 -2.54
N ILE C 96 21.50 -2.91 -2.04
CA ILE C 96 20.74 -3.95 -1.39
C ILE C 96 20.18 -4.99 -2.34
N ALA C 97 20.52 -6.25 -2.06
CA ALA C 97 20.07 -7.39 -2.85
C ALA C 97 18.96 -8.14 -2.10
N ALA C 98 19.13 -8.27 -0.79
CA ALA C 98 18.14 -8.96 0.02
C ALA C 98 18.23 -8.49 1.46
N ILE C 99 17.12 -8.56 2.16
CA ILE C 99 17.06 -8.11 3.56
C ILE C 99 16.33 -9.17 4.39
N SER C 100 16.74 -9.34 5.63
CA SER C 100 16.06 -10.30 6.51
C SER C 100 15.82 -9.55 7.81
N MET C 101 14.69 -9.84 8.44
CA MET C 101 14.32 -9.19 9.68
C MET C 101 13.93 -10.31 10.63
N LYS C 102 14.37 -10.19 11.87
CA LYS C 102 14.08 -11.20 12.87
C LYS C 102 13.92 -10.58 14.26
N ASN C 103 13.47 -11.41 15.19
CA ASN C 103 13.23 -11.01 16.58
C ASN C 103 14.39 -10.31 17.30
N ALA D 1 -15.47 -22.48 -4.86
CA ALA D 1 -16.28 -21.85 -3.79
C ALA D 1 -15.93 -22.43 -2.42
N PRO D 2 -14.63 -22.65 -2.14
CA PRO D 2 -14.23 -23.21 -0.84
C PRO D 2 -14.69 -22.31 0.30
N GLN D 3 -14.94 -22.90 1.46
CA GLN D 3 -15.38 -22.14 2.63
C GLN D 3 -14.23 -21.99 3.62
N THR D 4 -13.21 -22.85 3.51
CA THR D 4 -12.07 -22.78 4.43
C THR D 4 -10.77 -22.99 3.66
N ILE D 5 -9.66 -22.72 4.31
CA ILE D 5 -8.37 -22.92 3.69
C ILE D 5 -8.10 -24.40 3.52
N THR D 6 -8.58 -25.25 4.43
CA THR D 6 -8.31 -26.68 4.24
C THR D 6 -9.05 -27.19 3.02
N GLU D 7 -10.31 -26.76 2.88
CA GLU D 7 -11.10 -27.21 1.73
C GLU D 7 -10.44 -26.72 0.45
N LEU D 8 -9.97 -25.47 0.48
CA LEU D 8 -9.32 -24.89 -0.67
C LEU D 8 -8.05 -25.67 -1.00
N CYS D 9 -7.30 -25.99 0.04
CA CYS D 9 -6.02 -26.72 -0.14
C CYS D 9 -6.26 -28.11 -0.77
N SER D 10 -7.34 -28.76 -0.42
CA SER D 10 -7.62 -30.09 -0.96
C SER D 10 -7.95 -30.13 -2.45
N GLU D 11 -8.18 -28.97 -3.06
CA GLU D 11 -8.52 -28.93 -4.47
C GLU D 11 -7.28 -29.02 -5.36
N TYR D 12 -6.11 -29.02 -4.73
CA TYR D 12 -4.85 -29.07 -5.46
C TYR D 12 -4.03 -30.30 -5.14
N ARG D 13 -3.19 -30.67 -6.10
CA ARG D 13 -2.30 -31.81 -5.96
C ARG D 13 -1.02 -31.26 -5.37
N ASN D 14 -0.32 -32.09 -4.61
CA ASN D 14 0.96 -31.74 -4.00
C ASN D 14 0.87 -30.65 -2.95
N THR D 15 -0.24 -30.58 -2.23
CA THR D 15 -0.37 -29.57 -1.19
C THR D 15 -0.55 -30.23 0.16
N GLN D 16 -0.33 -29.45 1.20
CA GLN D 16 -0.52 -29.93 2.55
C GLN D 16 -0.78 -28.71 3.41
N ILE D 17 -1.54 -28.92 4.47
CA ILE D 17 -1.87 -27.88 5.40
C ILE D 17 -0.95 -27.98 6.61
N TYR D 18 -0.37 -26.85 6.98
CA TYR D 18 0.47 -26.74 8.17
C TYR D 18 -0.28 -25.85 9.13
N THR D 19 -0.48 -26.34 10.36
CA THR D 19 -1.14 -25.57 11.39
C THR D 19 0.02 -24.91 12.13
N ILE D 20 0.16 -23.61 11.95
CA ILE D 20 1.24 -22.87 12.58
C ILE D 20 0.83 -22.30 13.93
N ASN D 21 -0.26 -21.54 13.95
CA ASN D 21 -0.74 -20.94 15.18
C ASN D 21 0.38 -20.16 15.86
N ASP D 22 1.00 -19.25 15.10
CA ASP D 22 2.11 -18.49 15.65
C ASP D 22 2.45 -17.37 14.70
N LYS D 23 3.21 -16.39 15.19
CA LYS D 23 3.65 -15.29 14.36
C LYS D 23 4.92 -15.70 13.63
N ILE D 24 5.20 -15.02 12.53
CA ILE D 24 6.38 -15.26 11.72
C ILE D 24 7.62 -14.85 12.51
N LEU D 25 8.63 -15.71 12.52
CA LEU D 25 9.86 -15.44 13.24
C LEU D 25 10.84 -14.58 12.43
N SER D 26 11.03 -14.92 11.17
CA SER D 26 11.95 -14.17 10.31
C SER D 26 11.25 -13.92 8.99
N TYR D 27 11.59 -12.79 8.38
CA TYR D 27 11.05 -12.40 7.09
C TYR D 27 12.26 -12.03 6.26
N THR D 28 12.41 -12.68 5.10
CA THR D 28 13.52 -12.41 4.22
C THR D 28 12.95 -12.04 2.86
N GLU D 29 13.41 -10.92 2.31
CA GLU D 29 12.94 -10.47 1.02
C GLU D 29 14.14 -10.25 0.11
N SER D 30 14.06 -10.79 -1.10
CA SER D 30 15.13 -10.70 -2.07
C SER D 30 14.69 -10.08 -3.40
N MET D 31 15.53 -9.18 -3.92
CA MET D 31 15.26 -8.57 -5.21
C MET D 31 16.38 -9.01 -6.19
N ALA D 32 17.19 -9.98 -5.76
CA ALA D 32 18.28 -10.50 -6.59
C ALA D 32 17.67 -11.17 -7.83
N GLY D 33 18.33 -11.02 -8.96
CA GLY D 33 17.83 -11.57 -10.20
C GLY D 33 17.58 -13.07 -10.14
N LYS D 34 16.39 -13.46 -10.58
CA LYS D 34 15.93 -14.86 -10.61
C LYS D 34 15.68 -15.39 -9.20
N ARG D 35 15.72 -14.49 -8.23
CA ARG D 35 15.50 -14.87 -6.84
C ARG D 35 14.57 -13.84 -6.22
N GLU D 36 13.63 -13.32 -6.98
CA GLU D 36 12.69 -12.30 -6.47
C GLU D 36 11.63 -13.06 -5.69
N MET D 37 11.89 -13.23 -4.40
CA MET D 37 11.02 -14.02 -3.55
C MET D 37 11.04 -13.54 -2.10
N VAL D 38 10.20 -14.17 -1.29
CA VAL D 38 10.13 -13.87 0.13
C VAL D 38 10.19 -15.23 0.81
N ILE D 39 10.89 -15.28 1.93
CA ILE D 39 11.05 -16.51 2.69
C ILE D 39 10.67 -16.18 4.11
N ILE D 40 9.85 -17.00 4.73
CA ILE D 40 9.49 -16.77 6.11
C ILE D 40 9.80 -18.02 6.92
N THR D 41 10.10 -17.83 8.19
CA THR D 41 10.38 -18.96 9.06
C THR D 41 9.60 -18.79 10.34
N PHE D 42 9.37 -19.90 11.03
CA PHE D 42 8.67 -19.92 12.30
C PHE D 42 9.62 -20.54 13.32
N LYS D 43 9.45 -20.22 14.60
CA LYS D 43 10.33 -20.77 15.63
C LYS D 43 10.26 -22.28 15.72
N SER D 44 9.21 -22.84 15.14
CA SER D 44 9.00 -24.28 15.10
C SER D 44 10.11 -24.90 14.25
N GLY D 45 10.52 -24.16 13.23
CA GLY D 45 11.57 -24.64 12.36
C GLY D 45 11.12 -24.68 10.92
N GLU D 46 9.82 -24.46 10.67
CA GLU D 46 9.34 -24.48 9.29
C GLU D 46 9.78 -23.24 8.53
N THR D 47 10.12 -23.43 7.27
CA THR D 47 10.53 -22.34 6.41
C THR D 47 9.64 -22.48 5.18
N PHE D 48 9.12 -21.36 4.70
CA PHE D 48 8.27 -21.40 3.52
C PHE D 48 8.67 -20.25 2.61
N GLN D 49 8.31 -20.34 1.34
CA GLN D 49 8.66 -19.30 0.39
C GLN D 49 7.48 -18.93 -0.48
N VAL D 50 7.50 -17.72 -1.01
CA VAL D 50 6.52 -17.32 -1.98
C VAL D 50 7.45 -17.41 -3.18
N GLU D 51 7.14 -18.30 -4.09
CA GLU D 51 7.98 -18.50 -5.26
C GLU D 51 8.15 -17.34 -6.18
N VAL D 52 9.25 -17.39 -6.92
CA VAL D 52 9.55 -16.41 -7.94
C VAL D 52 8.49 -16.68 -9.01
N PRO D 53 7.87 -15.63 -9.60
CA PRO D 53 6.87 -15.92 -10.64
C PRO D 53 7.56 -16.71 -11.76
N GLY D 54 6.96 -17.81 -12.19
CA GLY D 54 7.57 -18.60 -13.24
C GLY D 54 6.59 -19.10 -14.28
N SER D 55 7.03 -20.04 -15.10
CA SER D 55 6.18 -20.59 -16.14
C SER D 55 5.01 -21.42 -15.64
N GLN D 56 5.09 -21.90 -14.40
CA GLN D 56 4.03 -22.72 -13.81
C GLN D 56 2.83 -21.90 -13.37
N HIS D 57 3.01 -20.59 -13.21
CA HIS D 57 1.95 -19.70 -12.76
C HIS D 57 1.08 -19.17 -13.89
N ILE D 58 -0.24 -19.18 -13.70
CA ILE D 58 -1.12 -18.65 -14.72
C ILE D 58 -1.23 -17.14 -14.55
N ASP D 59 -1.72 -16.44 -15.58
CA ASP D 59 -1.81 -14.98 -15.53
C ASP D 59 -2.60 -14.40 -14.37
N SER D 60 -3.64 -15.10 -13.93
CA SER D 60 -4.44 -14.62 -12.81
C SER D 60 -3.61 -14.60 -11.52
N GLN D 61 -2.62 -15.50 -11.43
CA GLN D 61 -1.79 -15.60 -10.24
C GLN D 61 -0.73 -14.52 -10.03
N LYS D 62 -0.35 -13.83 -11.10
CA LYS D 62 0.68 -12.80 -10.98
C LYS D 62 0.37 -11.74 -9.94
N LYS D 63 -0.83 -11.20 -9.95
CA LYS D 63 -1.20 -10.19 -8.96
C LYS D 63 -1.35 -10.83 -7.60
N ALA D 64 -1.79 -12.08 -7.57
CA ALA D 64 -1.97 -12.78 -6.31
C ALA D 64 -0.64 -13.03 -5.62
N ILE D 65 0.40 -13.29 -6.41
CA ILE D 65 1.74 -13.50 -5.87
C ILE D 65 2.20 -12.22 -5.16
N GLU D 66 2.03 -11.09 -5.83
CA GLU D 66 2.44 -9.81 -5.26
C GLU D 66 1.63 -9.52 -3.99
N ARG D 67 0.33 -9.85 -4.02
CA ARG D 67 -0.53 -9.62 -2.86
C ARG D 67 -0.03 -10.44 -1.68
N MET D 68 0.27 -11.72 -1.92
CA MET D 68 0.77 -12.60 -0.85
C MET D 68 2.02 -12.05 -0.19
N LYS D 69 2.97 -11.59 -1.01
CA LYS D 69 4.19 -11.02 -0.46
C LYS D 69 3.85 -9.79 0.39
N ASP D 70 2.88 -9.00 -0.06
CA ASP D 70 2.44 -7.83 0.71
C ASP D 70 1.87 -8.31 2.05
N THR D 71 1.03 -9.31 2.00
CA THR D 71 0.42 -9.84 3.20
C THR D 71 1.43 -10.36 4.21
N LEU D 72 2.42 -11.10 3.71
CA LEU D 72 3.44 -11.67 4.59
C LEU D 72 4.23 -10.59 5.30
N ARG D 73 4.54 -9.53 4.56
CA ARG D 73 5.29 -8.43 5.14
C ARG D 73 4.53 -7.72 6.26
N ILE D 74 3.29 -7.33 5.99
CA ILE D 74 2.49 -6.63 6.98
C ILE D 74 2.19 -7.56 8.15
N THR D 75 2.00 -8.85 7.87
CA THR D 75 1.74 -9.82 8.91
C THR D 75 2.97 -9.92 9.82
N TYR D 76 4.14 -9.93 9.22
CA TYR D 76 5.36 -10.00 10.01
C TYR D 76 5.52 -8.74 10.86
N LEU D 77 5.36 -7.57 10.24
CA LEU D 77 5.54 -6.31 10.96
C LEU D 77 4.58 -6.12 12.13
N THR D 78 3.37 -6.63 12.00
CA THR D 78 2.35 -6.50 13.04
C THR D 78 2.33 -7.67 14.04
N GLU D 79 3.24 -8.62 13.87
CA GLU D 79 3.32 -9.80 14.74
C GLU D 79 1.99 -10.50 14.81
N THR D 80 1.30 -10.52 13.69
CA THR D 80 0.01 -11.14 13.60
C THR D 80 0.18 -12.64 13.53
N LYS D 81 -0.65 -13.37 14.25
CA LYS D 81 -0.58 -14.82 14.27
C LYS D 81 -1.14 -15.44 13.00
N ILE D 82 -0.41 -16.41 12.46
CA ILE D 82 -0.89 -17.12 11.30
C ILE D 82 -1.48 -18.41 11.85
N ASP D 83 -2.64 -18.78 11.36
CA ASP D 83 -3.32 -19.99 11.80
C ASP D 83 -2.81 -21.18 10.98
N LYS D 84 -3.18 -21.22 9.69
CA LYS D 84 -2.75 -22.30 8.84
C LYS D 84 -2.13 -21.79 7.55
N LEU D 85 -1.34 -22.65 6.93
CA LEU D 85 -0.72 -22.37 5.64
C LEU D 85 -1.04 -23.57 4.73
N CYS D 86 -1.46 -23.31 3.51
CA CYS D 86 -1.68 -24.36 2.54
C CYS D 86 -0.41 -24.20 1.68
N VAL D 87 0.41 -25.25 1.58
CA VAL D 87 1.64 -25.14 0.81
C VAL D 87 1.80 -26.28 -0.18
N TRP D 88 2.58 -26.02 -1.21
CA TRP D 88 2.90 -27.04 -2.20
C TRP D 88 4.18 -27.66 -1.66
N ASN D 89 4.16 -28.97 -1.47
CA ASN D 89 5.30 -29.69 -0.91
C ASN D 89 6.29 -30.27 -1.92
N ASN D 90 6.09 -29.97 -3.20
CA ASN D 90 7.00 -30.44 -4.23
C ASN D 90 8.04 -29.34 -4.51
N LYS D 91 8.21 -28.48 -3.53
CA LYS D 91 9.15 -27.39 -3.60
C LYS D 91 9.86 -27.31 -2.27
N THR D 92 11.10 -26.84 -2.27
CA THR D 92 11.87 -26.69 -1.06
C THR D 92 12.53 -25.32 -1.05
N PRO D 93 12.16 -24.48 -0.07
CA PRO D 93 11.20 -24.81 0.99
C PRO D 93 9.79 -24.85 0.40
N ASN D 94 8.86 -25.42 1.15
CA ASN D 94 7.47 -25.54 0.69
C ASN D 94 6.97 -24.17 0.30
N SER D 95 6.20 -24.15 -0.78
CA SER D 95 5.69 -22.93 -1.38
C SER D 95 4.26 -22.59 -0.91
N ILE D 96 4.06 -21.35 -0.49
CA ILE D 96 2.74 -20.93 0.01
C ILE D 96 1.70 -20.76 -1.09
N ALA D 97 0.55 -21.43 -0.91
CA ALA D 97 -0.56 -21.35 -1.83
C ALA D 97 -1.63 -20.47 -1.19
N ALA D 98 -1.79 -20.59 0.13
CA ALA D 98 -2.80 -19.82 0.86
C ALA D 98 -2.42 -19.69 2.33
N ILE D 99 -2.93 -18.64 2.97
CA ILE D 99 -2.69 -18.39 4.39
C ILE D 99 -4.03 -18.09 5.03
N SER D 100 -4.12 -18.35 6.33
CA SER D 100 -5.33 -18.02 7.06
C SER D 100 -4.83 -17.49 8.39
N MET D 101 -5.56 -16.52 8.94
CA MET D 101 -5.21 -15.89 10.22
C MET D 101 -6.49 -15.84 11.03
N LYS D 102 -6.35 -16.02 12.34
CA LYS D 102 -7.48 -16.03 13.27
C LYS D 102 -6.98 -15.39 14.58
N ASN D 103 -7.50 -14.20 14.89
CA ASN D 103 -7.13 -13.44 16.11
C ASN D 103 -5.81 -12.67 16.05
N ALA E 1 -25.89 9.67 -6.98
CA ALA E 1 -25.28 8.38 -6.52
C ALA E 1 -25.89 7.99 -5.18
N PRO E 2 -25.80 6.71 -4.82
CA PRO E 2 -26.36 6.26 -3.54
C PRO E 2 -25.62 6.95 -2.40
N GLN E 3 -26.25 7.02 -1.24
CA GLN E 3 -25.62 7.66 -0.08
C GLN E 3 -25.36 6.70 1.07
N THR E 4 -25.93 5.51 0.99
CA THR E 4 -25.74 4.52 2.03
C THR E 4 -25.52 3.17 1.37
N ILE E 5 -24.97 2.23 2.13
CA ILE E 5 -24.70 0.89 1.63
C ILE E 5 -26.02 0.18 1.36
N THR E 6 -27.06 0.52 2.11
CA THR E 6 -28.34 -0.13 1.90
C THR E 6 -28.97 0.35 0.60
N GLU E 7 -28.86 1.66 0.35
CA GLU E 7 -29.40 2.23 -0.88
C GLU E 7 -28.68 1.66 -2.09
N LEU E 8 -27.37 1.48 -1.95
CA LEU E 8 -26.54 0.97 -3.03
C LEU E 8 -26.88 -0.48 -3.35
N CYS E 9 -26.99 -1.27 -2.29
CA CYS E 9 -27.27 -2.70 -2.40
C CYS E 9 -28.60 -2.98 -3.12
N SER E 10 -29.62 -2.17 -2.86
CA SER E 10 -30.93 -2.36 -3.45
C SER E 10 -30.99 -2.11 -4.95
N GLU E 11 -29.98 -1.45 -5.51
CA GLU E 11 -29.96 -1.17 -6.93
C GLU E 11 -29.62 -2.42 -7.72
N TYR E 12 -29.29 -3.49 -7.01
CA TYR E 12 -28.91 -4.73 -7.67
C TYR E 12 -29.81 -5.87 -7.32
N ARG E 13 -29.86 -6.85 -8.21
CA ARG E 13 -30.67 -8.02 -7.97
C ARG E 13 -29.73 -9.04 -7.33
N ASN E 14 -30.32 -10.01 -6.64
CA ASN E 14 -29.58 -11.09 -5.98
C ASN E 14 -28.65 -10.62 -4.86
N THR E 15 -29.01 -9.52 -4.19
CA THR E 15 -28.18 -9.02 -3.10
C THR E 15 -28.94 -9.05 -1.80
N GLN E 16 -28.20 -9.06 -0.72
CA GLN E 16 -28.77 -9.10 0.61
C GLN E 16 -27.85 -8.30 1.51
N ILE E 17 -28.43 -7.57 2.47
CA ILE E 17 -27.65 -6.81 3.42
C ILE E 17 -27.50 -7.66 4.66
N TYR E 18 -26.30 -7.71 5.21
CA TYR E 18 -26.05 -8.46 6.43
C TYR E 18 -25.56 -7.43 7.42
N THR E 19 -26.17 -7.40 8.59
CA THR E 19 -25.76 -6.48 9.64
C THR E 19 -24.81 -7.30 10.50
N ILE E 20 -23.53 -6.97 10.45
CA ILE E 20 -22.50 -7.71 11.18
C ILE E 20 -22.20 -7.10 12.55
N ASN E 21 -21.83 -5.83 12.54
CA ASN E 21 -21.49 -5.12 13.78
C ASN E 21 -20.47 -5.96 14.56
N ASP E 22 -19.42 -6.36 13.86
CA ASP E 22 -18.38 -7.15 14.48
C ASP E 22 -17.12 -7.10 13.61
N LYS E 23 -15.98 -7.42 14.22
CA LYS E 23 -14.72 -7.47 13.50
C LYS E 23 -14.64 -8.83 12.83
N ILE E 24 -13.76 -8.96 11.85
CA ILE E 24 -13.57 -10.21 11.12
C ILE E 24 -12.90 -11.20 12.06
N LEU E 25 -13.43 -12.42 12.09
CA LEU E 25 -12.88 -13.49 12.92
C LEU E 25 -11.67 -14.12 12.25
N SER E 26 -11.81 -14.48 10.98
CA SER E 26 -10.69 -15.08 10.28
C SER E 26 -10.58 -14.54 8.87
N TYR E 27 -9.35 -14.52 8.39
CA TYR E 27 -9.03 -14.02 7.08
C TYR E 27 -8.24 -15.10 6.36
N THR E 28 -8.65 -15.40 5.14
CA THR E 28 -7.98 -16.42 4.34
C THR E 28 -7.70 -15.82 2.98
N GLU E 29 -6.48 -16.00 2.51
CA GLU E 29 -6.09 -15.45 1.22
C GLU E 29 -5.38 -16.54 0.47
N SER E 30 -5.80 -16.72 -0.76
CA SER E 30 -5.24 -17.75 -1.63
C SER E 30 -4.68 -17.18 -2.93
N MET E 31 -3.55 -17.69 -3.35
CA MET E 31 -2.95 -17.31 -4.61
C MET E 31 -2.94 -18.55 -5.47
N ALA E 32 -3.65 -19.57 -5.04
CA ALA E 32 -3.70 -20.81 -5.81
C ALA E 32 -4.45 -20.54 -7.12
N GLY E 33 -3.92 -21.05 -8.21
CA GLY E 33 -4.52 -20.84 -9.52
C GLY E 33 -6.01 -21.13 -9.60
N LYS E 34 -6.74 -20.18 -10.18
CA LYS E 34 -8.19 -20.25 -10.35
C LYS E 34 -8.93 -19.99 -9.05
N ARG E 35 -8.19 -19.84 -7.95
CA ARG E 35 -8.77 -19.54 -6.64
C ARG E 35 -8.03 -18.38 -5.97
N GLU E 36 -7.75 -17.35 -6.75
CA GLU E 36 -7.08 -16.15 -6.25
C GLU E 36 -8.19 -15.38 -5.55
N MET E 37 -8.38 -15.67 -4.28
CA MET E 37 -9.48 -15.06 -3.56
C MET E 37 -9.22 -14.89 -2.08
N VAL E 38 -10.17 -14.26 -1.42
CA VAL E 38 -10.10 -14.00 0.01
C VAL E 38 -11.42 -14.46 0.57
N ILE E 39 -11.36 -15.09 1.73
CA ILE E 39 -12.54 -15.57 2.42
C ILE E 39 -12.45 -15.00 3.83
N ILE E 40 -13.55 -14.45 4.33
CA ILE E 40 -13.51 -13.92 5.67
C ILE E 40 -14.65 -14.57 6.48
N THR E 41 -14.46 -14.75 7.78
CA THR E 41 -15.49 -15.29 8.61
C THR E 41 -15.73 -14.40 9.80
N PHE E 42 -16.96 -14.61 10.37
CA PHE E 42 -17.32 -13.88 11.52
C PHE E 42 -17.70 -14.86 12.61
N LYS E 43 -17.55 -14.45 13.86
CA LYS E 43 -17.85 -15.26 15.02
C LYS E 43 -19.24 -15.83 14.87
N SER E 44 -20.12 -15.07 14.21
CA SER E 44 -21.51 -15.46 13.98
C SER E 44 -21.63 -16.75 13.17
N GLY E 45 -20.56 -17.13 12.50
CA GLY E 45 -20.56 -18.33 11.69
C GLY E 45 -20.71 -18.05 10.22
N GLU E 46 -20.96 -16.78 9.86
CA GLU E 46 -21.10 -16.49 8.46
C GLU E 46 -19.78 -16.30 7.72
N THR E 47 -19.73 -16.87 6.53
CA THR E 47 -18.55 -16.86 5.69
C THR E 47 -18.82 -16.09 4.40
N PHE E 48 -17.88 -15.25 3.99
CA PHE E 48 -18.03 -14.46 2.78
C PHE E 48 -16.77 -14.52 1.99
N GLN E 49 -16.90 -14.28 0.69
CA GLN E 49 -15.74 -14.29 -0.18
C GLN E 49 -15.71 -13.07 -1.08
N VAL E 50 -14.52 -12.78 -1.60
CA VAL E 50 -14.37 -11.76 -2.61
C VAL E 50 -14.10 -12.71 -3.77
N GLU E 51 -14.97 -12.72 -4.76
CA GLU E 51 -14.81 -13.64 -5.87
C GLU E 51 -13.56 -13.45 -6.74
N VAL E 52 -13.17 -14.53 -7.39
CA VAL E 52 -12.06 -14.55 -8.33
C VAL E 52 -12.65 -13.80 -9.51
N PRO E 53 -11.89 -12.89 -10.12
CA PRO E 53 -12.41 -12.15 -11.28
C PRO E 53 -12.87 -13.14 -12.35
N GLY E 54 -14.00 -12.84 -12.99
CA GLY E 54 -14.50 -13.75 -14.00
C GLY E 54 -15.32 -13.07 -15.07
N SER E 55 -15.99 -13.91 -15.86
CA SER E 55 -16.81 -13.52 -17.00
C SER E 55 -17.87 -12.49 -16.69
N GLN E 56 -18.53 -12.62 -15.54
CA GLN E 56 -19.58 -11.70 -15.18
C GLN E 56 -19.15 -10.34 -14.68
N HIS E 57 -17.85 -10.17 -14.39
CA HIS E 57 -17.37 -8.87 -13.89
C HIS E 57 -17.13 -7.92 -15.04
N ILE E 58 -17.42 -6.64 -14.84
CA ILE E 58 -17.19 -5.64 -15.86
C ILE E 58 -15.77 -5.12 -15.59
N ASP E 59 -15.11 -4.59 -16.61
CA ASP E 59 -13.75 -4.09 -16.46
C ASP E 59 -13.54 -3.20 -15.25
N SER E 60 -14.46 -2.25 -15.07
CA SER E 60 -14.36 -1.31 -13.97
C SER E 60 -14.26 -1.97 -12.60
N GLN E 61 -14.69 -3.23 -12.49
CA GLN E 61 -14.62 -3.91 -11.20
C GLN E 61 -13.28 -4.53 -10.84
N LYS E 62 -12.43 -4.78 -11.84
CA LYS E 62 -11.13 -5.39 -11.58
C LYS E 62 -10.34 -4.64 -10.51
N LYS E 63 -10.21 -3.33 -10.67
CA LYS E 63 -9.47 -2.55 -9.69
C LYS E 63 -10.21 -2.56 -8.36
N ALA E 64 -11.53 -2.52 -8.43
CA ALA E 64 -12.32 -2.52 -7.21
C ALA E 64 -12.16 -3.84 -6.43
N ILE E 65 -12.06 -4.95 -7.15
CA ILE E 65 -11.89 -6.25 -6.52
C ILE E 65 -10.56 -6.25 -5.74
N GLU E 66 -9.53 -5.68 -6.35
CA GLU E 66 -8.23 -5.62 -5.69
C GLU E 66 -8.31 -4.69 -4.47
N ARG E 67 -9.05 -3.61 -4.59
CA ARG E 67 -9.20 -2.68 -3.48
C ARG E 67 -9.92 -3.37 -2.32
N MET E 68 -11.00 -4.11 -2.63
CA MET E 68 -11.77 -4.78 -1.60
C MET E 68 -10.90 -5.75 -0.81
N LYS E 69 -10.06 -6.51 -1.50
CA LYS E 69 -9.19 -7.44 -0.81
C LYS E 69 -8.21 -6.67 0.10
N ASP E 70 -7.72 -5.55 -0.39
CA ASP E 70 -6.81 -4.69 0.39
C ASP E 70 -7.56 -4.25 1.64
N THR E 71 -8.78 -3.77 1.45
CA THR E 71 -9.57 -3.31 2.58
C THR E 71 -9.82 -4.39 3.60
N LEU E 72 -10.23 -5.59 3.15
CA LEU E 72 -10.49 -6.66 4.08
C LEU E 72 -9.25 -7.08 4.88
N ARG E 73 -8.08 -7.04 4.26
CA ARG E 73 -6.88 -7.43 4.97
C ARG E 73 -6.54 -6.45 6.09
N ILE E 74 -6.57 -5.15 5.78
CA ILE E 74 -6.23 -4.15 6.79
C ILE E 74 -7.33 -4.05 7.85
N THR E 75 -8.58 -4.28 7.45
CA THR E 75 -9.69 -4.25 8.40
C THR E 75 -9.51 -5.40 9.37
N TYR E 76 -9.03 -6.52 8.87
CA TYR E 76 -8.80 -7.67 9.73
C TYR E 76 -7.65 -7.41 10.69
N LEU E 77 -6.53 -6.91 10.17
CA LEU E 77 -5.35 -6.70 10.99
C LEU E 77 -5.52 -5.71 12.10
N THR E 78 -6.34 -4.70 11.85
CA THR E 78 -6.59 -3.64 12.80
C THR E 78 -7.77 -3.94 13.70
N GLU E 79 -8.41 -5.10 13.49
CA GLU E 79 -9.57 -5.51 14.28
C GLU E 79 -10.71 -4.49 14.24
N THR E 80 -10.84 -3.85 13.08
CA THR E 80 -11.86 -2.83 12.86
C THR E 80 -13.24 -3.46 12.69
N LYS E 81 -14.24 -2.89 13.34
CA LYS E 81 -15.62 -3.40 13.24
C LYS E 81 -16.26 -3.12 11.90
N ILE E 82 -16.93 -4.13 11.34
CA ILE E 82 -17.64 -4.01 10.08
C ILE E 82 -19.11 -3.80 10.46
N ASP E 83 -19.72 -2.77 9.88
CA ASP E 83 -21.11 -2.45 10.14
C ASP E 83 -22.02 -3.38 9.32
N LYS E 84 -22.12 -3.12 8.03
CA LYS E 84 -22.95 -3.95 7.15
C LYS E 84 -22.18 -4.42 5.95
N LEU E 85 -22.63 -5.52 5.36
CA LEU E 85 -22.01 -6.05 4.14
C LEU E 85 -23.14 -6.23 3.13
N CYS E 86 -22.95 -5.74 1.90
CA CYS E 86 -23.94 -5.96 0.88
C CYS E 86 -23.32 -7.14 0.12
N VAL E 87 -24.05 -8.25 0.01
CA VAL E 87 -23.50 -9.42 -0.67
C VAL E 87 -24.41 -10.01 -1.72
N TRP E 88 -23.82 -10.67 -2.70
CA TRP E 88 -24.57 -11.37 -3.73
C TRP E 88 -24.82 -12.74 -3.09
N ASN E 89 -26.09 -13.15 -3.02
CA ASN E 89 -26.39 -14.41 -2.35
C ASN E 89 -26.57 -15.60 -3.25
N ASN E 90 -26.25 -15.43 -4.53
CA ASN E 90 -26.38 -16.53 -5.47
C ASN E 90 -25.02 -17.20 -5.64
N LYS E 91 -24.11 -16.97 -4.69
CA LYS E 91 -22.79 -17.56 -4.68
C LYS E 91 -22.60 -18.14 -3.29
N THR E 92 -21.76 -19.16 -3.17
CA THR E 92 -21.51 -19.83 -1.89
C THR E 92 -20.00 -19.99 -1.71
N PRO E 93 -19.41 -19.38 -0.68
CA PRO E 93 -20.08 -18.53 0.31
C PRO E 93 -20.52 -17.24 -0.39
N ASN E 94 -21.42 -16.48 0.24
CA ASN E 94 -21.91 -15.23 -0.35
C ASN E 94 -20.75 -14.32 -0.75
N SER E 95 -20.96 -13.59 -1.82
CA SER E 95 -19.95 -12.72 -2.40
C SER E 95 -20.12 -11.26 -2.02
N ILE E 96 -19.06 -10.66 -1.47
CA ILE E 96 -19.09 -9.28 -1.04
C ILE E 96 -19.18 -8.28 -2.19
N ALA E 97 -20.18 -7.42 -2.12
CA ALA E 97 -20.40 -6.37 -3.10
C ALA E 97 -19.94 -5.02 -2.54
N ALA E 98 -20.28 -4.79 -1.27
CA ALA E 98 -19.91 -3.55 -0.60
C ALA E 98 -19.74 -3.81 0.88
N ILE E 99 -19.04 -2.90 1.54
CA ILE E 99 -18.79 -3.03 2.96
C ILE E 99 -18.92 -1.65 3.58
N SER E 100 -19.38 -1.60 4.84
CA SER E 100 -19.47 -0.33 5.54
C SER E 100 -18.89 -0.56 6.91
N MET E 101 -18.23 0.46 7.43
CA MET E 101 -17.60 0.43 8.75
C MET E 101 -18.03 1.71 9.43
N LYS E 102 -18.38 1.59 10.71
CA LYS E 102 -18.88 2.70 11.53
C LYS E 102 -18.04 2.91 12.79
N ASN E 103 -17.79 4.20 13.03
CA ASN E 103 -16.97 4.68 14.24
C ASN E 103 -15.50 4.57 14.05
#